data_3D2G
#
_entry.id   3D2G
#
_cell.length_a   76.048
_cell.length_b   111.022
_cell.length_c   55.733
_cell.angle_alpha   90.00
_cell.angle_beta   90.00
_cell.angle_gamma   90.00
#
_symmetry.space_group_name_H-M   'P 21 21 2'
#
loop_
_entity.id
_entity.type
_entity.pdbx_description
1 polymer 'TPP-specific riboswitch'
2 non-polymer 'MAGNESIUM ION'
3 non-polymer 'THIAMINE DIPHOSPHATE'
4 water water
#
_entity_poly.entity_id   1
_entity_poly.type   'polyribonucleotide'
_entity_poly.pdbx_seq_one_letter_code
;GGGACCAGGGGUGCUUGUUCACAGGCUGAGAAAGUCCCUUUGAACCUGAACAGGGUAAUGCCUGCGCAGGGAGUGUC
;
_entity_poly.pdbx_strand_id   A,B
#
loop_
_chem_comp.id
_chem_comp.type
_chem_comp.name
_chem_comp.formula
A RNA linking ADENOSINE-5'-MONOPHOSPHATE 'C10 H14 N5 O7 P'
C RNA linking CYTIDINE-5'-MONOPHOSPHATE 'C9 H14 N3 O8 P'
G RNA linking GUANOSINE-5'-MONOPHOSPHATE 'C10 H14 N5 O8 P'
MG non-polymer 'MAGNESIUM ION' 'Mg 2'
TPP non-polymer 'THIAMINE DIPHOSPHATE' 'C12 H19 N4 O7 P2 S 1'
U RNA linking URIDINE-5'-MONOPHOSPHATE 'C9 H13 N2 O9 P'
#
# COMPACT_ATOMS: atom_id res chain seq x y z
MG MG C . -3.57 11.27 -11.70
MG MG D . -0.88 7.41 -13.51
MG MG E . 3.83 13.25 -2.93
MG MG F . -5.29 4.88 -30.44
MG MG G . -14.08 9.56 -15.02
N1' TPP H . -11.91 4.14 -7.56
C2' TPP H . -13.22 4.30 -7.20
CM2 TPP H . -14.06 3.09 -6.97
N3' TPP H . -13.77 5.55 -7.08
C4' TPP H . -13.00 6.66 -7.32
N4' TPP H . -13.50 7.89 -7.20
C5' TPP H . -11.68 6.52 -7.67
C6' TPP H . -11.12 5.24 -7.77
C7' TPP H . -10.83 7.76 -7.89
N3 TPP H . -9.56 7.35 -8.42
C2 TPP H . -8.38 7.42 -7.72
S1 TPP H . -7.11 6.93 -8.54
C5 TPP H . -7.99 6.61 -9.84
C4 TPP H . -9.34 6.90 -9.68
CM4 TPP H . -10.42 6.71 -10.70
C6 TPP H . -7.19 6.09 -10.99
C7 TPP H . -7.20 7.08 -12.17
O7 TPP H . -6.60 8.33 -11.84
PA TPP H . -5.05 8.42 -11.96
O1A TPP H . -4.56 9.64 -11.39
O2A TPP H . -4.42 7.27 -11.23
O3A TPP H . -4.73 8.19 -13.52
PB TPP H . -3.66 9.04 -14.36
O1B TPP H . -4.03 8.80 -15.81
O2B TPP H . -2.25 8.73 -14.15
O3B TPP H . -3.69 10.45 -13.94
MG MG I . 4.61 -2.05 14.63
MG MG J . 9.95 6.20 6.87
MG MG K . 9.98 -2.86 14.06
MG MG L . 10.84 -14.14 13.86
MG MG M . 8.79 -3.81 26.40
N1' TPP N . 6.33 -11.75 6.26
C2' TPP N . 6.98 -12.83 5.68
CM2 TPP N . 6.19 -13.86 4.97
N3' TPP N . 8.35 -12.97 5.78
C4' TPP N . 9.09 -12.01 6.42
N4' TPP N . 10.40 -12.12 6.50
C5' TPP N . 8.44 -10.93 7.02
C6' TPP N . 7.05 -10.79 6.92
C7' TPP N . 9.25 -9.87 7.72
N3 TPP N . 8.36 -8.93 8.33
C2 TPP N . 8.08 -7.72 7.76
S1 TPP N . 7.08 -6.86 8.65
C5 TPP N . 6.97 -7.96 9.80
C4 TPP N . 7.72 -9.08 9.53
CM4 TPP N . 7.79 -10.25 10.45
C6 TPP N . 6.06 -7.64 10.97
C7 TPP N . 6.86 -7.55 12.28
O7 TPP N . 7.84 -6.55 12.41
PA TPP N . 7.37 -5.07 12.71
O1A TPP N . 6.37 -4.80 11.64
O2A TPP N . 8.50 -4.10 12.80
O3A TPP N . 6.47 -5.15 14.02
PB TPP N . 6.80 -4.22 15.26
O1B TPP N . 6.07 -4.90 16.35
O2B TPP N . 6.35 -2.84 15.07
O3B TPP N . 8.28 -4.10 15.42
#